data_5DJK
#
_entry.id   5DJK
#
_cell.length_a   40.257
_cell.length_b   58.225
_cell.length_c   101.415
_cell.angle_alpha   90.00
_cell.angle_beta   90.00
_cell.angle_gamma   90.00
#
_symmetry.space_group_name_H-M   'P 21 21 21'
#
loop_
_entity.id
_entity.type
_entity.pdbx_description
1 polymer "3'-phosphoadenosine 5'-phosphate phosphatase"
2 non-polymer 'CALCIUM ION'
3 non-polymer 'SODIUM ION'
4 non-polymer 'PHOSPHATE ION'
5 water water
#
_entity_poly.entity_id   1
_entity_poly.type   'polypeptide(L)'
_entity_poly.pdbx_seq_one_letter_code
;MGSSHHHHHHSSGLVPRGSHMVVSPAAPDLTDDLTDAELAADLAADAGKLLLQVRAEIGFDQPWTLGEAGDRQANSLLLR
RLQAERPGDAVLSEEAHDDLARLKSDRVWIIDPLDGTREFSTPGRDDWAVHIALWRRSSNGQPEITDAAVALPARGNVVY
RTDTVTSGAAPAGVPGTLRIAVSATRPPAVLHRIRQTLAIQPVSIGSAGAKAMAVIDGYVDAYLHAGGQWEWDSAAPAGV
MLAAGMHASRLDGSPLRYNQLDPYLPDLLMCRAEVAPILLGAIADAWR
;
_entity_poly.pdbx_strand_id   A
#
loop_
_chem_comp.id
_chem_comp.type
_chem_comp.name
_chem_comp.formula
CA non-polymer 'CALCIUM ION' 'Ca 2'
NA non-polymer 'SODIUM ION' 'Na 1'
PO4 non-polymer 'PHOSPHATE ION' 'O4 P -3'
#
# COMPACT_ATOMS: atom_id res chain seq x y z
N ASP A 33 8.33 24.16 -4.73
CA ASP A 33 9.14 23.67 -5.84
C ASP A 33 9.74 22.31 -5.52
N LEU A 34 8.92 21.28 -5.56
CA LEU A 34 9.33 19.93 -5.18
C LEU A 34 9.36 18.97 -6.38
N THR A 35 10.26 17.99 -6.35
CA THR A 35 10.20 16.90 -7.31
C THR A 35 8.92 16.12 -7.03
N ASP A 36 8.47 15.33 -8.00
CA ASP A 36 7.30 14.49 -7.76
C ASP A 36 7.50 13.57 -6.54
N ALA A 37 8.71 13.02 -6.36
CA ALA A 37 8.98 12.15 -5.21
C ALA A 37 8.95 12.92 -3.89
N GLU A 38 9.54 14.11 -3.87
CA GLU A 38 9.49 14.96 -2.69
C GLU A 38 8.05 15.35 -2.35
N LEU A 39 7.25 15.59 -3.38
CA LEU A 39 5.85 15.97 -3.16
C LEU A 39 5.09 14.76 -2.62
N ALA A 40 5.28 13.59 -3.22
CA ALA A 40 4.63 12.39 -2.71
C ALA A 40 4.92 12.22 -1.21
N ALA A 41 6.17 12.42 -0.83
CA ALA A 41 6.60 12.24 0.56
C ALA A 41 5.98 13.30 1.46
N ASP A 42 5.95 14.53 0.96
CA ASP A 42 5.41 15.64 1.74
C ASP A 42 3.91 15.48 1.93
N LEU A 43 3.21 15.07 0.86
CA LEU A 43 1.76 14.82 0.96
C LEU A 43 1.46 13.73 1.98
N ALA A 44 2.24 12.65 1.93
CA ALA A 44 2.03 11.52 2.82
C ALA A 44 2.20 11.92 4.29
N ALA A 45 3.25 12.71 4.57
CA ALA A 45 3.55 13.15 5.92
C ALA A 45 2.48 14.10 6.44
N ASP A 46 2.07 15.02 5.58
CA ASP A 46 1.10 16.05 5.94
C ASP A 46 -0.26 15.41 6.24
N ALA A 47 -0.69 14.49 5.38
CA ALA A 47 -1.91 13.73 5.65
C ALA A 47 -1.74 12.90 6.92
N GLY A 48 -0.56 12.36 7.12
CA GLY A 48 -0.28 11.60 8.33
C GLY A 48 -0.46 12.42 9.60
N LYS A 49 0.10 13.63 9.59
CA LYS A 49 -0.07 14.55 10.70
C LYS A 49 -1.54 14.87 10.94
N LEU A 50 -2.27 15.13 9.87
CA LEU A 50 -3.68 15.47 10.00
C LEU A 50 -4.45 14.29 10.59
N LEU A 51 -4.16 13.07 10.14
CA LEU A 51 -4.84 11.90 10.69
C LEU A 51 -4.57 11.74 12.18
N LEU A 52 -3.33 11.98 12.59
CA LEU A 52 -2.98 11.92 14.01
C LEU A 52 -3.76 12.97 14.82
N GLN A 53 -3.94 14.16 14.25
CA GLN A 53 -4.75 15.19 14.90
C GLN A 53 -6.20 14.75 15.03
N VAL A 54 -6.73 14.18 13.96
CA VAL A 54 -8.12 13.74 13.98
C VAL A 54 -8.33 12.67 15.04
N ARG A 55 -7.38 11.74 15.11
CA ARG A 55 -7.40 10.67 16.09
C ARG A 55 -7.47 11.24 17.50
N ALA A 56 -6.64 12.24 17.78
CA ALA A 56 -6.61 12.84 19.11
C ALA A 56 -7.87 13.66 19.41
N GLU A 57 -8.37 14.36 18.41
CA GLU A 57 -9.53 15.23 18.57
C GLU A 57 -10.81 14.44 18.80
N ILE A 58 -11.04 13.44 17.95
CA ILE A 58 -12.31 12.73 17.95
C ILE A 58 -12.32 11.60 18.95
N GLY A 59 -11.18 10.93 19.10
CA GLY A 59 -11.06 9.85 20.06
C GLY A 59 -11.73 8.59 19.57
N PHE A 60 -11.75 7.57 20.42
CA PHE A 60 -12.10 6.23 19.99
C PHE A 60 -13.46 5.73 20.44
N ASP A 61 -14.29 6.60 21.05
CA ASP A 61 -15.59 6.18 21.54
C ASP A 61 -16.50 5.67 20.42
N GLN A 62 -16.48 6.34 19.28
CA GLN A 62 -17.26 5.91 18.12
C GLN A 62 -16.34 5.59 16.96
N PRO A 63 -15.93 4.32 16.81
CA PRO A 63 -14.98 3.95 15.76
C PRO A 63 -15.43 4.37 14.36
N TRP A 64 -16.73 4.24 14.08
CA TRP A 64 -17.21 4.59 12.75
C TRP A 64 -17.03 6.09 12.45
N THR A 65 -17.38 6.92 13.42
CA THR A 65 -17.24 8.37 13.29
C THR A 65 -15.80 8.78 13.12
N LEU A 66 -14.93 8.16 13.91
CA LEU A 66 -13.50 8.43 13.85
C LEU A 66 -12.96 8.07 12.47
N GLY A 67 -13.32 6.89 11.97
CA GLY A 67 -12.85 6.45 10.67
C GLY A 67 -13.33 7.31 9.51
N GLU A 68 -14.60 7.71 9.55
CA GLU A 68 -15.17 8.57 8.51
CA GLU A 68 -15.15 8.56 8.50
C GLU A 68 -14.49 9.92 8.46
N ALA A 69 -14.21 10.48 9.63
CA ALA A 69 -13.57 11.78 9.72
C ALA A 69 -12.16 11.73 9.17
N GLY A 70 -11.45 10.65 9.49
CA GLY A 70 -10.10 10.48 8.99
C GLY A 70 -10.09 10.36 7.48
N ASP A 71 -10.94 9.48 6.96
CA ASP A 71 -11.09 9.32 5.51
C ASP A 71 -11.38 10.65 4.83
N ARG A 72 -12.39 11.35 5.33
CA ARG A 72 -12.84 12.58 4.67
C ARG A 72 -11.81 13.73 4.80
N GLN A 73 -11.26 13.93 5.99
CA GLN A 73 -10.33 15.06 6.16
C GLN A 73 -8.98 14.81 5.46
N ALA A 74 -8.46 13.59 5.51
CA ALA A 74 -7.23 13.30 4.80
C ALA A 74 -7.44 13.48 3.29
N ASN A 75 -8.57 13.01 2.78
CA ASN A 75 -8.89 13.19 1.36
C ASN A 75 -8.93 14.67 0.98
N SER A 76 -9.63 15.46 1.79
CA SER A 76 -9.75 16.89 1.51
CA SER A 76 -9.75 16.89 1.51
C SER A 76 -8.38 17.57 1.45
N LEU A 77 -7.51 17.24 2.40
CA LEU A 77 -6.17 17.83 2.41
C LEU A 77 -5.44 17.46 1.10
N LEU A 78 -5.46 16.19 0.75
CA LEU A 78 -4.65 15.72 -0.36
C LEU A 78 -5.17 16.31 -1.68
N LEU A 79 -6.49 16.37 -1.84
CA LEU A 79 -7.02 16.94 -3.08
C LEU A 79 -6.72 18.44 -3.18
N ARG A 80 -6.81 19.13 -2.05
CA ARG A 80 -6.51 20.56 -2.01
C ARG A 80 -5.05 20.77 -2.44
N ARG A 81 -4.14 20.00 -1.88
CA ARG A 81 -2.73 20.25 -2.16
C ARG A 81 -2.35 19.80 -3.58
N LEU A 82 -2.94 18.70 -4.06
CA LEU A 82 -2.65 18.26 -5.44
C LEU A 82 -3.18 19.29 -6.45
N GLN A 83 -4.36 19.84 -6.21
CA GLN A 83 -4.88 20.89 -7.09
C GLN A 83 -3.98 22.13 -7.07
N ALA A 84 -3.46 22.48 -5.90
CA ALA A 84 -2.60 23.65 -5.75
C ALA A 84 -1.19 23.45 -6.33
N GLU A 85 -0.63 22.26 -6.18
CA GLU A 85 0.78 22.09 -6.49
C GLU A 85 0.99 21.27 -7.77
N ARG A 86 -0.03 20.51 -8.17
CA ARG A 86 -0.02 19.83 -9.46
C ARG A 86 -1.36 19.99 -10.18
N PRO A 87 -1.74 21.23 -10.52
CA PRO A 87 -3.07 21.50 -11.09
C PRO A 87 -3.35 20.72 -12.38
N GLY A 88 -2.32 20.32 -13.12
CA GLY A 88 -2.48 19.61 -14.36
C GLY A 88 -2.65 18.11 -14.24
N ASP A 89 -2.33 17.54 -13.08
CA ASP A 89 -2.37 16.09 -12.92
C ASP A 89 -3.75 15.58 -12.55
N ALA A 90 -4.10 14.40 -13.06
CA ALA A 90 -5.33 13.73 -12.69
C ALA A 90 -5.17 13.11 -11.32
N VAL A 91 -6.28 12.89 -10.61
CA VAL A 91 -6.20 12.23 -9.31
C VAL A 91 -7.26 11.14 -9.20
N LEU A 92 -6.81 9.94 -8.83
CA LEU A 92 -7.69 8.82 -8.54
C LEU A 92 -7.57 8.56 -7.04
N SER A 93 -8.63 8.87 -6.30
CA SER A 93 -8.64 8.69 -4.86
C SER A 93 -9.78 7.77 -4.45
N GLU A 94 -9.53 6.90 -3.48
CA GLU A 94 -10.60 6.06 -2.96
C GLU A 94 -11.79 6.91 -2.53
N GLU A 95 -11.51 8.10 -2.01
CA GLU A 95 -12.55 8.89 -1.37
C GLU A 95 -13.16 9.99 -2.23
N ALA A 96 -12.98 9.90 -3.54
CA ALA A 96 -13.57 10.90 -4.43
C ALA A 96 -14.20 10.18 -5.62
N HIS A 97 -15.22 10.79 -6.20
CA HIS A 97 -15.77 10.28 -7.44
C HIS A 97 -14.70 10.27 -8.53
N ASP A 98 -14.80 9.27 -9.41
CA ASP A 98 -13.81 8.99 -10.45
C ASP A 98 -14.40 9.39 -11.81
N ASP A 99 -13.99 10.54 -12.36
CA ASP A 99 -14.62 11.03 -13.60
C ASP A 99 -13.95 10.50 -14.87
N LEU A 100 -12.96 9.62 -14.70
CA LEU A 100 -12.26 8.96 -15.79
C LEU A 100 -11.47 9.87 -16.74
N ALA A 101 -11.36 11.16 -16.41
CA ALA A 101 -10.48 12.04 -17.19
C ALA A 101 -9.06 11.50 -17.18
N ARG A 102 -8.68 10.84 -16.09
CA ARG A 102 -7.36 10.23 -15.93
C ARG A 102 -6.98 9.27 -17.06
N LEU A 103 -7.97 8.67 -17.71
CA LEU A 103 -7.69 7.72 -18.80
C LEU A 103 -6.97 8.39 -19.97
N LYS A 104 -7.14 9.71 -20.10
CA LYS A 104 -6.51 10.46 -21.18
C LYS A 104 -5.27 11.21 -20.71
N SER A 105 -4.94 11.09 -19.43
CA SER A 105 -3.84 11.86 -18.86
C SER A 105 -2.53 11.07 -18.89
N ASP A 106 -1.42 11.79 -18.93
CA ASP A 106 -0.12 11.15 -18.87
C ASP A 106 0.39 11.09 -17.43
N ARG A 107 -0.28 11.80 -16.54
CA ARG A 107 0.13 11.86 -15.12
C ARG A 107 -1.09 11.71 -14.20
N VAL A 108 -1.08 10.68 -13.36
CA VAL A 108 -2.22 10.40 -12.48
C VAL A 108 -1.75 10.05 -11.07
N TRP A 109 -2.21 10.80 -10.07
CA TRP A 109 -1.93 10.43 -8.68
C TRP A 109 -2.97 9.39 -8.26
N ILE A 110 -2.49 8.30 -7.69
CA ILE A 110 -3.38 7.24 -7.24
C ILE A 110 -3.21 7.14 -5.74
N ILE A 111 -4.23 7.56 -4.99
CA ILE A 111 -4.03 7.75 -3.56
C ILE A 111 -5.06 7.02 -2.73
N ASP A 112 -4.60 6.54 -1.58
CA ASP A 112 -5.52 6.13 -0.52
C ASP A 112 -5.23 7.03 0.67
N PRO A 113 -6.13 8.01 0.95
CA PRO A 113 -5.90 8.98 2.03
C PRO A 113 -5.74 8.31 3.39
N LEU A 114 -6.37 7.16 3.57
CA LEU A 114 -6.25 6.40 4.81
C LEU A 114 -6.47 4.93 4.50
N ASP A 115 -5.40 4.17 4.48
CA ASP A 115 -5.51 2.73 4.27
C ASP A 115 -5.47 2.04 5.64
N GLY A 116 -6.48 1.24 5.95
CA GLY A 116 -6.59 0.66 7.27
C GLY A 116 -7.45 1.52 8.18
N THR A 117 -8.61 1.94 7.67
CA THR A 117 -9.53 2.79 8.42
C THR A 117 -9.97 2.12 9.72
N ARG A 118 -10.26 0.82 9.64
CA ARG A 118 -10.63 0.05 10.83
C ARG A 118 -9.56 0.13 11.91
N GLU A 119 -8.32 -0.11 11.50
CA GLU A 119 -7.16 -0.07 12.39
C GLU A 119 -6.95 1.32 12.98
N PHE A 120 -6.99 2.33 12.12
CA PHE A 120 -6.95 3.72 12.55
C PHE A 120 -7.97 4.00 13.66
N SER A 121 -9.14 3.38 13.54
CA SER A 121 -10.26 3.64 14.44
C SER A 121 -10.22 2.85 15.73
N THR A 122 -9.13 2.09 15.91
CA THR A 122 -8.96 1.19 17.04
C THR A 122 -7.82 1.67 17.94
N PRO A 123 -8.08 1.83 19.24
CA PRO A 123 -7.03 2.31 20.14
C PRO A 123 -5.76 1.43 20.09
N GLY A 124 -4.60 2.08 20.04
CA GLY A 124 -3.34 1.37 20.13
C GLY A 124 -2.78 0.78 18.84
N ARG A 125 -3.57 0.79 17.77
CA ARG A 125 -3.14 0.17 16.52
C ARG A 125 -2.29 1.12 15.69
N ASP A 126 -1.18 0.61 15.15
CA ASP A 126 -0.29 1.43 14.34
C ASP A 126 -0.18 0.91 12.92
N ASP A 127 -1.00 -0.08 12.57
CA ASP A 127 -0.92 -0.66 11.23
C ASP A 127 -1.96 -0.03 10.30
N TRP A 128 -1.76 1.26 10.04
CA TRP A 128 -2.59 2.00 9.08
C TRP A 128 -1.68 2.98 8.38
N ALA A 129 -2.06 3.41 7.18
CA ALA A 129 -1.10 4.06 6.31
C ALA A 129 -1.73 5.13 5.43
N VAL A 130 -0.89 5.97 4.85
CA VAL A 130 -1.32 6.86 3.77
C VAL A 130 -0.57 6.45 2.51
N HIS A 131 -1.29 6.25 1.42
CA HIS A 131 -0.69 5.84 0.14
C HIS A 131 -0.72 6.96 -0.88
N ILE A 132 0.45 7.40 -1.34
CA ILE A 132 0.53 8.44 -2.37
C ILE A 132 1.41 7.95 -3.52
N ALA A 133 0.80 7.69 -4.68
CA ALA A 133 1.56 7.21 -5.83
C ALA A 133 1.34 8.10 -7.05
N LEU A 134 2.39 8.28 -7.84
CA LEU A 134 2.26 8.95 -9.13
C LEU A 134 2.50 7.93 -10.25
N TRP A 135 1.48 7.77 -11.09
CA TRP A 135 1.54 6.96 -12.31
C TRP A 135 1.88 7.88 -13.46
N ARG A 136 2.84 7.47 -14.29
CA ARG A 136 3.16 8.23 -15.49
C ARG A 136 3.13 7.31 -16.71
N ARG A 137 2.55 7.79 -17.80
CA ARG A 137 2.32 6.94 -18.97
C ARG A 137 3.62 6.45 -19.62
N PRO A 143 4.42 2.69 -19.19
CA PRO A 143 3.79 3.29 -18.00
C PRO A 143 4.15 2.54 -16.72
N GLU A 144 4.23 3.28 -15.61
CA GLU A 144 4.53 2.69 -14.32
C GLU A 144 4.36 3.69 -13.19
N ILE A 145 4.42 3.18 -11.97
CA ILE A 145 4.47 4.05 -10.79
C ILE A 145 5.90 4.59 -10.67
N THR A 146 6.08 5.87 -11.01
CA THR A 146 7.42 6.45 -11.06
C THR A 146 7.89 7.02 -9.73
N ASP A 147 6.94 7.48 -8.91
CA ASP A 147 7.26 8.11 -7.63
C ASP A 147 6.17 7.77 -6.65
N ALA A 148 6.55 7.52 -5.40
CA ALA A 148 5.55 7.10 -4.44
C ALA A 148 6.06 7.25 -3.03
N ALA A 149 5.11 7.30 -2.11
CA ALA A 149 5.40 7.35 -0.69
C ALA A 149 4.31 6.65 0.10
N VAL A 150 4.73 5.98 1.16
CA VAL A 150 3.82 5.36 2.12
C VAL A 150 4.16 5.86 3.51
N ALA A 151 3.22 6.54 4.17
CA ALA A 151 3.41 6.96 5.56
C ALA A 151 2.77 5.97 6.50
N LEU A 152 3.43 5.69 7.63
CA LEU A 152 2.80 4.97 8.73
C LEU A 152 2.76 5.94 9.89
N PRO A 153 1.68 6.75 9.96
CA PRO A 153 1.69 7.92 10.85
C PRO A 153 1.89 7.56 12.33
N ALA A 154 1.34 6.45 12.77
CA ALA A 154 1.45 6.10 14.18
C ALA A 154 2.84 5.56 14.53
N ARG A 155 3.63 5.24 13.52
CA ARG A 155 5.00 4.79 13.72
CA ARG A 155 4.99 4.78 13.72
C ARG A 155 5.98 5.94 13.54
N GLY A 156 5.84 6.95 14.39
CA GLY A 156 6.66 8.15 14.32
C GLY A 156 6.51 8.92 13.02
N ASN A 157 5.37 8.71 12.33
CA ASN A 157 5.12 9.27 10.99
C ASN A 157 6.29 9.03 10.04
N VAL A 158 6.83 7.82 10.09
CA VAL A 158 7.85 7.41 9.13
C VAL A 158 7.24 7.45 7.73
N VAL A 159 8.01 7.93 6.77
CA VAL A 159 7.54 7.95 5.39
C VAL A 159 8.55 7.23 4.51
N TYR A 160 8.11 6.11 3.92
CA TYR A 160 8.92 5.37 2.96
C TYR A 160 8.73 6.02 1.62
N ARG A 161 9.83 6.30 0.92
CA ARG A 161 9.69 7.02 -0.36
C ARG A 161 10.61 6.43 -1.42
N THR A 162 10.13 6.43 -2.65
CA THR A 162 10.88 5.83 -3.76
C THR A 162 12.26 6.46 -3.98
N ASP A 163 12.47 7.70 -3.55
CA ASP A 163 13.75 8.33 -3.82
C ASP A 163 14.78 8.14 -2.70
N THR A 164 14.38 7.52 -1.59
CA THR A 164 15.35 7.28 -0.52
C THR A 164 15.39 5.83 -0.02
N VAL A 165 14.43 5.01 -0.42
CA VAL A 165 14.38 3.64 0.09
C VAL A 165 15.58 2.87 -0.49
N THR A 166 16.22 1.98 0.26
CA THR A 166 17.43 1.36 -0.31
C THR A 166 17.25 -0.11 -0.71
N SER A 167 18.25 -0.63 -1.42
CA SER A 167 18.23 -1.98 -2.00
C SER A 167 19.06 -2.98 -1.20
N GLY A 168 19.44 -2.60 0.02
CA GLY A 168 20.17 -3.50 0.89
C GLY A 168 19.26 -4.34 1.76
N ALA A 169 18.72 -5.42 1.20
CA ALA A 169 17.86 -6.31 1.96
C ALA A 169 18.52 -7.66 2.24
N ALA A 170 18.87 -7.90 3.50
CA ALA A 170 19.43 -9.18 3.89
C ALA A 170 18.31 -10.16 4.20
N PRO A 171 18.43 -11.39 3.70
CA PRO A 171 17.48 -12.47 4.02
C PRO A 171 17.30 -12.63 5.52
N ALA A 172 16.08 -12.43 6.00
CA ALA A 172 15.80 -12.49 7.43
C ALA A 172 15.05 -13.75 7.83
N GLY A 173 15.37 -14.28 9.00
CA GLY A 173 14.64 -15.40 9.56
C GLY A 173 15.31 -16.76 9.40
N VAL A 174 14.59 -17.80 9.85
CA VAL A 174 15.03 -19.18 9.77
C VAL A 174 15.05 -19.66 8.31
N PRO A 175 16.06 -20.46 7.93
CA PRO A 175 16.10 -21.01 6.56
C PRO A 175 15.01 -22.04 6.29
N GLY A 176 14.46 -22.03 5.08
CA GLY A 176 13.46 -23.00 4.68
C GLY A 176 12.08 -22.69 5.20
N THR A 177 11.91 -21.52 5.81
CA THR A 177 10.61 -21.12 6.31
C THR A 177 10.30 -19.65 5.99
N LEU A 178 9.03 -19.38 5.71
CA LEU A 178 8.60 -18.06 5.27
C LEU A 178 7.60 -17.46 6.23
N ARG A 179 7.79 -16.18 6.55
CA ARG A 179 6.74 -15.42 7.22
C ARG A 179 6.02 -14.62 6.14
N ILE A 180 4.71 -14.77 6.04
CA ILE A 180 3.95 -14.06 5.01
C ILE A 180 2.84 -13.23 5.62
N ALA A 181 2.86 -11.93 5.32
CA ALA A 181 1.83 -11.02 5.79
C ALA A 181 0.56 -11.25 5.02
N VAL A 182 -0.54 -11.42 5.74
CA VAL A 182 -1.86 -11.51 5.13
C VAL A 182 -2.82 -10.63 5.94
N SER A 183 -3.95 -10.27 5.34
CA SER A 183 -4.90 -9.41 6.02
C SER A 183 -5.60 -10.15 7.16
N ALA A 184 -6.22 -9.39 8.04
CA ALA A 184 -6.95 -9.95 9.17
C ALA A 184 -8.34 -10.44 8.76
N THR A 185 -8.41 -11.17 7.66
CA THR A 185 -9.67 -11.72 7.18
C THR A 185 -9.54 -13.23 6.91
N ARG A 186 -10.58 -13.81 6.31
CA ARG A 186 -10.64 -15.24 6.02
C ARG A 186 -9.78 -15.63 4.82
N PRO A 187 -8.79 -16.51 5.06
CA PRO A 187 -7.69 -16.88 4.15
C PRO A 187 -8.14 -17.44 2.79
N PRO A 188 -7.54 -16.98 1.68
CA PRO A 188 -7.88 -17.51 0.35
C PRO A 188 -7.44 -18.95 0.12
N ALA A 189 -8.05 -19.58 -0.88
CA ALA A 189 -7.78 -20.98 -1.16
C ALA A 189 -6.31 -21.21 -1.55
N VAL A 190 -5.66 -20.19 -2.11
CA VAL A 190 -4.33 -20.38 -2.68
C VAL A 190 -3.27 -20.54 -1.58
N LEU A 191 -3.43 -19.81 -0.48
CA LEU A 191 -2.48 -19.89 0.62
C LEU A 191 -2.61 -21.22 1.34
N HIS A 192 -3.83 -21.72 1.50
CA HIS A 192 -4.05 -23.05 2.07
C HIS A 192 -3.29 -24.09 1.27
N ARG A 193 -3.39 -24.00 -0.05
CA ARG A 193 -2.75 -24.97 -0.91
C ARG A 193 -1.21 -24.87 -0.89
N ILE A 194 -0.67 -23.65 -0.88
CA ILE A 194 0.78 -23.52 -0.93
C ILE A 194 1.39 -23.89 0.43
N ARG A 195 0.61 -23.77 1.49
CA ARG A 195 1.07 -24.22 2.81
C ARG A 195 1.20 -25.73 2.93
N GLN A 196 0.62 -26.46 2.00
CA GLN A 196 0.82 -27.91 1.99
C GLN A 196 2.24 -28.25 1.57
N THR A 197 2.83 -27.37 0.76
CA THR A 197 4.14 -27.63 0.17
C THR A 197 5.27 -26.79 0.76
N LEU A 198 4.93 -25.66 1.36
CA LEU A 198 5.94 -24.75 1.88
C LEU A 198 5.67 -24.44 3.34
N ALA A 199 6.72 -24.42 4.15
CA ALA A 199 6.59 -24.01 5.55
C ALA A 199 6.37 -22.49 5.61
N ILE A 200 5.18 -22.10 6.06
CA ILE A 200 4.73 -20.71 6.09
C ILE A 200 4.07 -20.38 7.42
N GLN A 201 4.45 -19.24 8.01
CA GLN A 201 3.70 -18.72 9.14
C GLN A 201 3.03 -17.42 8.71
N PRO A 202 1.69 -17.44 8.60
CA PRO A 202 0.98 -16.22 8.24
C PRO A 202 1.06 -15.20 9.37
N VAL A 203 1.24 -13.94 9.01
CA VAL A 203 1.35 -12.88 10.00
C VAL A 203 0.24 -11.88 9.75
N SER A 204 -0.69 -11.78 10.68
CA SER A 204 -1.86 -10.91 10.53
C SER A 204 -1.51 -9.47 10.81
N ILE A 205 -1.69 -8.63 9.80
CA ILE A 205 -1.35 -7.22 9.87
C ILE A 205 -2.49 -6.48 9.18
N GLY A 206 -2.93 -5.36 9.73
CA GLY A 206 -3.96 -4.59 9.07
C GLY A 206 -3.30 -3.74 8.01
N SER A 207 -4.03 -3.41 6.96
CA SER A 207 -3.62 -2.41 5.98
C SER A 207 -2.56 -2.94 5.01
N ALA A 208 -2.83 -2.71 3.73
CA ALA A 208 -1.94 -3.11 2.65
C ALA A 208 -0.59 -2.42 2.77
N GLY A 209 -0.62 -1.13 3.09
CA GLY A 209 0.62 -0.38 3.25
C GLY A 209 1.50 -0.89 4.36
N ALA A 210 0.91 -1.18 5.52
CA ALA A 210 1.66 -1.72 6.63
C ALA A 210 2.26 -3.10 6.28
N LYS A 211 1.50 -3.95 5.60
CA LYS A 211 2.00 -5.28 5.19
C LYS A 211 3.17 -5.14 4.22
N ALA A 212 3.04 -4.24 3.25
CA ALA A 212 4.13 -4.05 2.28
C ALA A 212 5.37 -3.50 2.96
N MET A 213 5.20 -2.54 3.86
CA MET A 213 6.39 -1.97 4.50
C MET A 213 7.01 -2.97 5.47
N ALA A 214 6.24 -3.93 5.95
CA ALA A 214 6.81 -4.98 6.78
C ALA A 214 7.77 -5.82 5.95
N VAL A 215 7.49 -5.98 4.66
CA VAL A 215 8.41 -6.69 3.77
C VAL A 215 9.70 -5.89 3.64
N ILE A 216 9.56 -4.58 3.40
CA ILE A 216 10.69 -3.67 3.32
C ILE A 216 11.55 -3.74 4.58
N ASP A 217 10.89 -3.75 5.73
CA ASP A 217 11.59 -3.80 7.01
C ASP A 217 12.27 -5.15 7.29
N GLY A 218 11.81 -6.21 6.65
CA GLY A 218 12.30 -7.54 6.95
C GLY A 218 11.55 -8.22 8.09
N TYR A 219 10.41 -7.65 8.48
CA TYR A 219 9.59 -8.23 9.53
C TYR A 219 8.87 -9.49 9.02
N VAL A 220 8.58 -9.48 7.71
CA VAL A 220 8.07 -10.65 6.99
C VAL A 220 8.84 -10.82 5.68
N ASP A 221 8.70 -11.97 5.05
CA ASP A 221 9.39 -12.23 3.79
C ASP A 221 8.55 -11.82 2.58
N ALA A 222 7.24 -11.79 2.78
CA ALA A 222 6.34 -11.61 1.67
C ALA A 222 5.00 -11.10 2.16
N TYR A 223 4.27 -10.52 1.21
CA TYR A 223 2.92 -10.06 1.42
C TYR A 223 2.12 -10.62 0.24
N LEU A 224 1.06 -11.34 0.56
CA LEU A 224 0.29 -12.05 -0.42
C LEU A 224 -1.17 -11.69 -0.27
N HIS A 225 -1.81 -11.34 -1.38
CA HIS A 225 -3.23 -11.03 -1.32
C HIS A 225 -3.96 -11.57 -2.53
N ALA A 226 -5.17 -12.03 -2.28
CA ALA A 226 -6.05 -12.45 -3.36
C ALA A 226 -7.47 -12.13 -2.92
N GLY A 227 -8.41 -12.22 -3.85
CA GLY A 227 -9.81 -12.03 -3.51
C GLY A 227 -10.29 -10.60 -3.71
N GLY A 228 -9.41 -9.73 -4.19
CA GLY A 228 -9.80 -8.38 -4.52
C GLY A 228 -9.14 -7.25 -3.76
N GLN A 229 -8.89 -6.16 -4.47
CA GLN A 229 -8.29 -4.94 -3.93
C GLN A 229 -8.49 -3.85 -4.96
N TRP A 230 -8.11 -2.63 -4.61
CA TRP A 230 -8.20 -1.50 -5.52
C TRP A 230 -6.82 -0.97 -5.84
N GLU A 231 -6.68 -0.24 -6.94
CA GLU A 231 -5.37 0.26 -7.33
C GLU A 231 -4.67 1.08 -6.24
N TRP A 232 -5.44 1.87 -5.49
CA TRP A 232 -4.81 2.76 -4.48
C TRP A 232 -4.25 1.97 -3.29
N ASP A 233 -4.71 0.74 -3.12
CA ASP A 233 -4.14 -0.15 -2.12
C ASP A 233 -2.73 -0.62 -2.45
N SER A 234 -2.41 -0.77 -3.73
CA SER A 234 -1.12 -1.33 -4.09
C SER A 234 -0.19 -0.38 -4.82
N ALA A 235 -0.70 0.70 -5.42
CA ALA A 235 0.16 1.54 -6.26
C ALA A 235 1.36 2.11 -5.49
N ALA A 236 1.12 2.78 -4.37
CA ALA A 236 2.23 3.38 -3.64
C ALA A 236 3.13 2.30 -3.00
N PRO A 237 2.53 1.28 -2.32
CA PRO A 237 3.41 0.20 -1.82
C PRO A 237 4.23 -0.46 -2.92
N ALA A 238 3.64 -0.70 -4.08
CA ALA A 238 4.35 -1.32 -5.20
C ALA A 238 5.50 -0.46 -5.69
N GLY A 239 5.25 0.83 -5.85
CA GLY A 239 6.28 1.78 -6.24
C GLY A 239 7.50 1.74 -5.33
N VAL A 240 7.25 1.81 -4.03
CA VAL A 240 8.30 1.72 -3.02
C VAL A 240 9.02 0.38 -3.09
N MET A 241 8.24 -0.70 -3.22
CA MET A 241 8.76 -2.07 -3.26
C MET A 241 9.74 -2.20 -4.41
N LEU A 242 9.31 -1.76 -5.59
CA LEU A 242 10.14 -1.88 -6.77
C LEU A 242 11.37 -0.98 -6.66
N ALA A 243 11.21 0.21 -6.08
CA ALA A 243 12.33 1.12 -5.91
C ALA A 243 13.37 0.55 -4.96
N ALA A 244 12.92 -0.30 -4.03
CA ALA A 244 13.81 -0.95 -3.08
C ALA A 244 14.49 -2.18 -3.67
N GLY A 245 14.24 -2.45 -4.96
CA GLY A 245 14.79 -3.63 -5.60
C GLY A 245 14.09 -4.92 -5.22
N MET A 246 12.90 -4.81 -4.65
CA MET A 246 12.15 -5.99 -4.28
C MET A 246 11.11 -6.32 -5.36
N HIS A 247 10.29 -7.33 -5.10
CA HIS A 247 9.40 -7.86 -6.13
C HIS A 247 7.94 -7.45 -5.88
N ALA A 248 7.26 -7.00 -6.95
CA ALA A 248 5.82 -6.73 -6.87
C ALA A 248 5.15 -7.10 -8.18
N SER A 249 4.22 -8.06 -8.10
CA SER A 249 3.53 -8.53 -9.30
C SER A 249 2.16 -9.06 -8.95
N ARG A 250 1.42 -9.46 -9.97
CA ARG A 250 0.22 -10.29 -9.79
C ARG A 250 0.68 -11.65 -9.28
N LEU A 251 -0.26 -12.44 -8.78
CA LEU A 251 0.09 -13.80 -8.32
C LEU A 251 0.67 -14.65 -9.45
N ASP A 252 0.24 -14.39 -10.68
CA ASP A 252 0.70 -15.22 -11.81
C ASP A 252 2.02 -14.72 -12.38
N GLY A 253 2.63 -13.77 -11.68
CA GLY A 253 3.92 -13.23 -12.09
C GLY A 253 3.85 -12.01 -13.00
N SER A 254 2.68 -11.71 -13.54
CA SER A 254 2.56 -10.59 -14.49
C SER A 254 2.61 -9.23 -13.77
N PRO A 255 2.99 -8.17 -14.50
CA PRO A 255 3.12 -6.85 -13.86
C PRO A 255 1.79 -6.29 -13.34
N LEU A 256 1.87 -5.53 -12.26
CA LEU A 256 0.74 -4.76 -11.78
C LEU A 256 0.48 -3.62 -12.74
N ARG A 257 -0.77 -3.49 -13.17
CA ARG A 257 -1.15 -2.44 -14.12
C ARG A 257 -2.04 -1.42 -13.44
N TYR A 258 -1.81 -0.15 -13.73
CA TYR A 258 -2.55 0.91 -13.06
C TYR A 258 -3.20 1.86 -14.06
N ASN A 259 -4.03 2.76 -13.54
CA ASN A 259 -4.86 3.68 -14.33
C ASN A 259 -5.72 2.94 -15.34
N GLN A 260 -6.28 1.81 -14.91
CA GLN A 260 -7.22 1.07 -15.72
C GLN A 260 -8.63 1.62 -15.56
N LEU A 261 -9.50 1.37 -16.53
CA LEU A 261 -10.89 1.80 -16.46
C LEU A 261 -11.51 1.35 -15.14
N ASP A 262 -11.39 0.05 -14.89
CA ASP A 262 -11.79 -0.57 -13.64
C ASP A 262 -10.58 -0.71 -12.72
N PRO A 263 -10.47 0.16 -11.70
CA PRO A 263 -9.23 0.20 -10.89
C PRO A 263 -9.18 -0.89 -9.82
N TYR A 264 -9.67 -2.06 -10.17
CA TYR A 264 -9.71 -3.21 -9.26
C TYR A 264 -8.61 -4.19 -9.62
N LEU A 265 -7.76 -4.52 -8.65
CA LEU A 265 -6.71 -5.51 -8.85
C LEU A 265 -6.99 -6.68 -7.92
N PRO A 266 -7.35 -7.83 -8.50
CA PRO A 266 -7.75 -9.03 -7.74
C PRO A 266 -6.68 -9.51 -6.75
N ASP A 267 -5.44 -9.64 -7.20
CA ASP A 267 -4.41 -10.27 -6.39
C ASP A 267 -3.03 -9.64 -6.54
N LEU A 268 -2.14 -9.97 -5.61
CA LEU A 268 -0.79 -9.44 -5.66
C LEU A 268 0.19 -10.28 -4.85
N LEU A 269 1.46 -10.16 -5.22
CA LEU A 269 2.55 -10.70 -4.42
C LEU A 269 3.64 -9.63 -4.31
N MET A 270 4.00 -9.26 -3.10
CA MET A 270 5.16 -8.41 -2.86
C MET A 270 6.11 -9.13 -1.93
N CYS A 271 7.39 -9.18 -2.29
CA CYS A 271 8.34 -9.96 -1.50
C CYS A 271 9.78 -9.63 -1.82
N ARG A 272 10.69 -10.09 -0.98
CA ARG A 272 12.12 -10.04 -1.28
C ARG A 272 12.37 -10.68 -2.63
N ALA A 273 13.35 -10.15 -3.37
CA ALA A 273 13.69 -10.69 -4.67
C ALA A 273 13.99 -12.19 -4.61
N GLU A 274 14.75 -12.61 -3.60
CA GLU A 274 15.16 -14.02 -3.46
C GLU A 274 13.97 -14.96 -3.28
N VAL A 275 12.88 -14.41 -2.74
CA VAL A 275 11.71 -15.19 -2.37
C VAL A 275 10.74 -15.36 -3.55
N ALA A 276 10.76 -14.41 -4.49
CA ALA A 276 9.81 -14.42 -5.61
C ALA A 276 9.75 -15.74 -6.37
N PRO A 277 10.91 -16.31 -6.80
CA PRO A 277 10.83 -17.58 -7.53
C PRO A 277 10.15 -18.69 -6.74
N ILE A 278 10.45 -18.78 -5.45
CA ILE A 278 9.90 -19.83 -4.59
C ILE A 278 8.37 -19.71 -4.52
N LEU A 279 7.88 -18.50 -4.26
CA LEU A 279 6.45 -18.29 -4.09
C LEU A 279 5.69 -18.32 -5.40
N LEU A 280 6.22 -17.67 -6.43
CA LEU A 280 5.60 -17.72 -7.75
C LEU A 280 5.53 -19.18 -8.22
N GLY A 281 6.61 -19.91 -7.97
CA GLY A 281 6.65 -21.34 -8.29
C GLY A 281 5.56 -22.10 -7.57
N ALA A 282 5.44 -21.88 -6.25
CA ALA A 282 4.47 -22.61 -5.44
C ALA A 282 3.04 -22.27 -5.85
N ILE A 283 2.80 -21.00 -6.16
CA ILE A 283 1.50 -20.56 -6.61
C ILE A 283 1.12 -21.22 -7.93
N ALA A 284 2.08 -21.25 -8.85
CA ALA A 284 1.85 -21.85 -10.16
C ALA A 284 1.65 -23.34 -10.00
N ASP A 285 2.45 -23.96 -9.12
CA ASP A 285 2.34 -25.40 -8.84
C ASP A 285 0.98 -25.72 -8.25
N ALA A 286 0.42 -24.77 -7.49
CA ALA A 286 -0.86 -24.96 -6.83
C ALA A 286 -2.02 -24.92 -7.80
N TRP A 287 -1.76 -24.45 -9.02
CA TRP A 287 -2.78 -24.36 -10.05
C TRP A 287 -2.83 -25.62 -10.91
N ARG A 288 -2.17 -26.67 -10.44
CA ARG A 288 -2.19 -27.95 -11.13
C ARG A 288 -3.29 -28.84 -10.58
CA CA B . -8.96 3.96 2.49
CA CA C . -7.38 0.76 1.25
NA NA D . -12.08 20.38 0.75
P PO4 E . -9.77 1.42 3.90
O1 PO4 E . -9.20 0.89 5.20
O2 PO4 E . -8.67 1.59 2.90
O3 PO4 E . -10.44 2.77 4.11
O4 PO4 E . -10.80 0.43 3.39
#